data_6BI1
#
_entry.id   6BI1
#
_cell.length_a   100.240
_cell.length_b   100.240
_cell.length_c   100.240
_cell.angle_alpha   90.00
_cell.angle_beta   90.00
_cell.angle_gamma   90.00
#
_symmetry.space_group_name_H-M   'P 21 3'
#
loop_
_entity.id
_entity.type
_entity.pdbx_description
1 polymer 'Purine nucleoside phosphorylase'
2 non-polymer 'DIMETHYL SULFOXIDE'
3 non-polymer O-benzyl-L-serine
4 water water
#
_entity_poly.entity_id   1
_entity_poly.type   'polypeptide(L)'
_entity_poly.pdbx_seq_one_letter_code
;MTTPVVANYENASMAADYIKRVSNVLPDIGII(CME)GSGLGKLIEEIEERKVIPYINIPNFPKTTVAGHVGNLVLGSVG
GRKIVAMQGRLHMYEGYSNQEIALPIRVMKLLGVRVLLITNLAGGINRKLKSGDFVLIKGHINFPGLGLNNVLVGPNQDE
FGPRFPDLSNAYDRLLQQLALKIAQENDFQDLVHEGVYAFNGGPTYESPDESNMLLKLGCDVVGMSTVPEVIIACHCGIK
VLAVSLIANNSILDAENDVSINHEKVLAVAEKRADLLQMWFKEIITRLPLD
;
_entity_poly.pdbx_strand_id   A
#
# COMPACT_ATOMS: atom_id res chain seq x y z
N VAL A 5 -13.05 12.37 -13.76
CA VAL A 5 -14.05 12.13 -12.70
C VAL A 5 -13.45 12.49 -11.33
N VAL A 6 -14.11 13.37 -10.59
CA VAL A 6 -13.64 13.80 -9.27
C VAL A 6 -13.95 12.75 -8.22
N ALA A 7 -13.03 12.56 -7.26
CA ALA A 7 -13.24 11.62 -6.14
C ALA A 7 -14.12 12.26 -5.04
N ASN A 8 -15.35 12.63 -5.43
CA ASN A 8 -16.31 13.29 -4.53
C ASN A 8 -17.31 12.27 -3.96
N TYR A 9 -18.15 12.78 -3.06
CA TYR A 9 -19.12 11.95 -2.32
C TYR A 9 -20.13 11.29 -3.27
N GLU A 10 -20.68 12.04 -4.23
CA GLU A 10 -21.67 11.47 -5.14
C GLU A 10 -21.07 10.37 -6.03
N ASN A 11 -19.87 10.60 -6.57
CA ASN A 11 -19.27 9.62 -7.48
C ASN A 11 -18.86 8.34 -6.74
N ALA A 12 -18.26 8.50 -5.54
CA ALA A 12 -17.94 7.35 -4.70
C ALA A 12 -19.21 6.58 -4.29
N SER A 13 -20.29 7.31 -3.97
CA SER A 13 -21.55 6.66 -3.60
C SER A 13 -22.11 5.77 -4.72
N MET A 14 -22.01 6.23 -5.98
CA MET A 14 -22.57 5.43 -7.08
C MET A 14 -21.78 4.14 -7.28
N ALA A 15 -20.45 4.20 -7.10
CA ALA A 15 -19.61 3.01 -7.18
C ALA A 15 -19.93 2.04 -6.04
N ALA A 16 -20.05 2.56 -4.82
CA ALA A 16 -20.36 1.72 -3.66
C ALA A 16 -21.71 1.02 -3.83
N ASP A 17 -22.72 1.73 -4.36
CA ASP A 17 -24.04 1.15 -4.56
C ASP A 17 -23.98 -0.06 -5.49
N TYR A 18 -23.26 0.08 -6.61
CA TYR A 18 -23.08 -1.04 -7.55
C TYR A 18 -22.44 -2.24 -6.84
N ILE A 19 -21.35 -1.99 -6.10
CA ILE A 19 -20.61 -3.08 -5.46
C ILE A 19 -21.50 -3.81 -4.46
N LYS A 20 -22.25 -3.06 -3.64
CA LYS A 20 -23.16 -3.70 -2.68
C LYS A 20 -24.18 -4.59 -3.39
N ARG A 21 -24.68 -4.16 -4.56
CA ARG A 21 -25.72 -4.91 -5.26
C ARG A 21 -25.21 -6.22 -5.83
N VAL A 22 -23.93 -6.31 -6.20
CA VAL A 22 -23.43 -7.54 -6.80
C VAL A 22 -22.72 -8.48 -5.82
N SER A 23 -22.21 -7.99 -4.69
CA SER A 23 -21.31 -8.80 -3.88
C SER A 23 -21.91 -9.30 -2.58
N ASN A 24 -22.81 -8.56 -1.95
CA ASN A 24 -23.45 -8.97 -0.71
C ASN A 24 -22.51 -8.95 0.51
N VAL A 25 -21.24 -8.59 0.33
CA VAL A 25 -20.25 -8.59 1.41
C VAL A 25 -20.14 -7.16 1.94
N LEU A 26 -20.21 -7.01 3.26
CA LEU A 26 -19.90 -5.72 3.87
C LEU A 26 -18.54 -5.84 4.57
N PRO A 27 -17.46 -5.36 3.94
CA PRO A 27 -16.11 -5.56 4.48
C PRO A 27 -15.78 -4.53 5.54
N ASP A 28 -15.00 -4.94 6.54
CA ASP A 28 -14.42 -3.92 7.43
C ASP A 28 -12.90 -3.82 7.33
N ILE A 29 -12.26 -4.62 6.47
CA ILE A 29 -10.81 -4.59 6.25
C ILE A 29 -10.56 -4.49 4.75
N GLY A 30 -9.61 -3.63 4.37
CA GLY A 30 -9.16 -3.53 2.98
C GLY A 30 -7.69 -3.92 2.87
N ILE A 31 -7.30 -4.49 1.71
CA ILE A 31 -5.90 -4.84 1.45
C ILE A 31 -5.46 -4.37 0.05
N ILE A 32 -4.21 -3.91 -0.03
CA ILE A 32 -3.52 -3.52 -1.26
C ILE A 32 -2.14 -4.20 -1.23
N GLY A 34 1.65 -5.57 -2.91
CA GLY A 34 2.75 -5.28 -3.80
C GLY A 34 2.98 -6.30 -4.90
N SER A 35 3.80 -5.95 -5.89
CA SER A 35 3.95 -6.80 -7.07
C SER A 35 4.60 -8.13 -6.68
N GLY A 36 3.98 -9.22 -7.12
CA GLY A 36 4.43 -10.54 -6.73
C GLY A 36 3.96 -10.97 -5.35
N LEU A 37 3.21 -10.10 -4.66
CA LEU A 37 2.79 -10.37 -3.28
C LEU A 37 1.28 -10.54 -3.15
N GLY A 38 0.61 -11.00 -4.20
CA GLY A 38 -0.84 -11.05 -4.23
C GLY A 38 -1.48 -12.42 -4.05
N LYS A 39 -0.73 -13.45 -3.68
CA LYS A 39 -1.31 -14.79 -3.57
C LYS A 39 -2.47 -14.85 -2.58
N LEU A 40 -2.41 -14.07 -1.50
CA LEU A 40 -3.50 -14.09 -0.51
C LEU A 40 -4.84 -13.75 -1.15
N ILE A 41 -4.84 -12.88 -2.17
CA ILE A 41 -6.09 -12.51 -2.83
C ILE A 41 -6.73 -13.71 -3.50
N GLU A 42 -5.91 -14.60 -4.07
CA GLU A 42 -6.47 -15.76 -4.74
C GLU A 42 -7.05 -16.78 -3.78
N GLU A 43 -6.79 -16.65 -2.47
CA GLU A 43 -7.27 -17.61 -1.49
C GLU A 43 -8.40 -17.04 -0.63
N ILE A 44 -8.94 -15.88 -0.99
CA ILE A 44 -10.13 -15.34 -0.34
C ILE A 44 -11.27 -16.33 -0.52
N GLU A 45 -12.01 -16.59 0.56
CA GLU A 45 -13.09 -17.56 0.57
C GLU A 45 -14.41 -16.93 0.14
N GLU A 46 -15.27 -17.74 -0.49
CA GLU A 46 -16.58 -17.31 -0.96
C GLU A 46 -16.47 -15.97 -1.71
N ARG A 47 -15.58 -15.96 -2.69
CA ARG A 47 -15.11 -14.71 -3.28
C ARG A 47 -15.99 -14.23 -4.42
N LYS A 48 -16.03 -12.91 -4.57
CA LYS A 48 -16.70 -12.26 -5.69
C LYS A 48 -15.70 -11.33 -6.35
N VAL A 49 -15.45 -11.55 -7.64
CA VAL A 49 -14.51 -10.77 -8.43
C VAL A 49 -15.28 -9.74 -9.24
N ILE A 50 -14.97 -8.46 -9.05
CA ILE A 50 -15.64 -7.35 -9.73
C ILE A 50 -14.60 -6.55 -10.52
N PRO A 51 -14.53 -6.73 -11.85
CA PRO A 51 -13.59 -5.93 -12.65
C PRO A 51 -13.83 -4.43 -12.52
N TYR A 52 -12.72 -3.68 -12.45
CA TYR A 52 -12.81 -2.23 -12.34
C TYR A 52 -13.65 -1.65 -13.48
N ILE A 53 -13.50 -2.19 -14.70
CA ILE A 53 -14.17 -1.65 -15.86
C ILE A 53 -15.69 -1.69 -15.73
N ASN A 54 -16.24 -2.57 -14.87
CA ASN A 54 -17.68 -2.69 -14.64
C ASN A 54 -18.22 -1.76 -13.54
N ILE A 55 -17.35 -1.10 -12.78
CA ILE A 55 -17.77 -0.32 -11.60
C ILE A 55 -17.95 1.14 -12.02
N PRO A 56 -19.13 1.73 -11.84
CA PRO A 56 -19.30 3.16 -12.15
C PRO A 56 -18.22 4.03 -11.53
N ASN A 57 -17.65 4.94 -12.34
CA ASN A 57 -16.68 5.93 -11.91
C ASN A 57 -15.28 5.41 -11.55
N PHE A 58 -15.00 4.11 -11.69
CA PHE A 58 -13.63 3.66 -11.40
C PHE A 58 -12.70 4.10 -12.54
N PRO A 59 -11.41 4.32 -12.23
CA PRO A 59 -10.49 4.84 -13.25
C PRO A 59 -10.25 3.83 -14.38
N LYS A 60 -10.08 4.38 -15.57
CA LYS A 60 -9.77 3.58 -16.76
C LYS A 60 -8.32 3.13 -16.68
N THR A 61 -8.10 1.82 -16.85
CA THR A 61 -6.75 1.24 -16.71
C THR A 61 -6.30 0.48 -17.95
N THR A 62 -6.91 0.71 -19.12
CA THR A 62 -6.58 -0.13 -20.26
C THR A 62 -5.28 0.25 -20.95
N VAL A 63 -4.80 1.48 -20.81
CA VAL A 63 -3.52 1.85 -21.42
C VAL A 63 -2.38 1.03 -20.80
N ALA A 64 -2.36 0.93 -19.47
CA ALA A 64 -1.35 0.09 -18.81
C ALA A 64 -1.68 -1.39 -18.95
N GLY A 65 -2.97 -1.74 -19.00
CA GLY A 65 -3.36 -3.13 -19.18
C GLY A 65 -3.21 -3.95 -17.91
N HIS A 66 -3.05 -5.26 -18.12
CA HIS A 66 -2.90 -6.21 -17.02
C HIS A 66 -4.12 -6.20 -16.11
N VAL A 67 -4.05 -6.87 -14.96
CA VAL A 67 -5.25 -7.13 -14.17
C VAL A 67 -5.73 -5.88 -13.45
N GLY A 68 -7.05 -5.79 -13.24
CA GLY A 68 -7.67 -4.74 -12.44
C GLY A 68 -9.05 -5.13 -11.93
N ASN A 69 -9.09 -5.70 -10.72
CA ASN A 69 -10.31 -6.24 -10.12
C ASN A 69 -10.39 -5.86 -8.64
N LEU A 70 -11.62 -5.65 -8.15
CA LEU A 70 -11.90 -5.68 -6.71
C LEU A 70 -12.34 -7.10 -6.36
N VAL A 71 -11.85 -7.62 -5.24
CA VAL A 71 -12.19 -8.98 -4.81
C VAL A 71 -12.71 -8.92 -3.38
N LEU A 72 -13.94 -9.37 -3.16
CA LEU A 72 -14.54 -9.37 -1.83
C LEU A 72 -14.79 -10.79 -1.35
N GLY A 73 -14.65 -11.02 -0.05
CA GLY A 73 -14.91 -12.33 0.52
C GLY A 73 -14.41 -12.42 1.95
N SER A 74 -14.10 -13.63 2.39
CA SER A 74 -13.69 -13.88 3.78
C SER A 74 -12.27 -14.41 3.88
N VAL A 75 -11.55 -13.94 4.91
CA VAL A 75 -10.25 -14.47 5.29
C VAL A 75 -10.21 -14.58 6.80
N GLY A 76 -9.85 -15.76 7.32
CA GLY A 76 -9.74 -15.96 8.75
C GLY A 76 -10.97 -15.54 9.52
N GLY A 77 -12.14 -15.71 8.90
CA GLY A 77 -13.40 -15.36 9.52
C GLY A 77 -13.78 -13.89 9.46
N ARG A 78 -13.00 -13.05 8.77
CA ARG A 78 -13.26 -11.64 8.66
C ARG A 78 -13.63 -11.28 7.22
N LYS A 79 -14.41 -10.20 7.06
CA LYS A 79 -14.88 -9.78 5.74
C LYS A 79 -13.94 -8.73 5.18
N ILE A 80 -13.43 -8.97 3.96
CA ILE A 80 -12.40 -8.11 3.38
C ILE A 80 -12.75 -7.70 1.96
N VAL A 81 -12.13 -6.60 1.53
CA VAL A 81 -12.10 -6.18 0.12
C VAL A 81 -10.65 -5.90 -0.28
N ALA A 82 -10.24 -6.45 -1.43
CA ALA A 82 -8.88 -6.29 -1.94
C ALA A 82 -8.87 -5.59 -3.29
N MET A 83 -7.85 -4.76 -3.50
CA MET A 83 -7.51 -4.26 -4.83
C MET A 83 -6.52 -5.22 -5.48
N GLN A 84 -6.88 -5.77 -6.64
CA GLN A 84 -6.03 -6.70 -7.39
C GLN A 84 -5.62 -5.98 -8.67
N GLY A 85 -4.39 -5.46 -8.69
CA GLY A 85 -3.97 -4.49 -9.69
C GLY A 85 -3.93 -3.10 -9.10
N ARG A 86 -2.74 -2.65 -8.75
CA ARG A 86 -2.60 -1.40 -8.03
C ARG A 86 -2.40 -0.24 -9.00
N LEU A 87 -2.93 0.92 -8.62
CA LEU A 87 -2.76 2.15 -9.38
C LEU A 87 -1.58 2.92 -8.78
N HIS A 88 -0.55 3.18 -9.60
CA HIS A 88 0.64 3.94 -9.18
C HIS A 88 0.74 5.29 -9.89
N MET A 89 1.21 6.31 -9.16
CA MET A 89 1.25 7.67 -9.73
CA MET A 89 1.24 7.67 -9.73
C MET A 89 2.27 7.82 -10.85
N TYR A 90 3.36 7.02 -10.85
CA TYR A 90 4.31 7.09 -11.98
C TYR A 90 3.70 6.66 -13.31
N GLU A 91 2.52 6.01 -13.30
CA GLU A 91 1.85 5.61 -14.54
C GLU A 91 1.09 6.77 -15.17
N GLY A 92 0.95 7.89 -14.47
CA GLY A 92 0.22 9.05 -14.95
C GLY A 92 -1.19 9.22 -14.41
N TYR A 93 -1.66 8.33 -13.54
CA TYR A 93 -2.98 8.51 -12.91
C TYR A 93 -3.01 9.81 -12.11
N SER A 94 -4.15 10.49 -12.11
CA SER A 94 -4.31 11.73 -11.34
C SER A 94 -4.61 11.46 -9.87
N ASN A 95 -4.51 12.53 -9.06
CA ASN A 95 -4.91 12.51 -7.65
C ASN A 95 -6.31 11.92 -7.47
N GLN A 96 -7.24 12.33 -8.34
CA GLN A 96 -8.63 11.90 -8.21
C GLN A 96 -8.78 10.40 -8.50
N GLU A 97 -8.01 9.87 -9.46
CA GLU A 97 -8.08 8.45 -9.80
C GLU A 97 -7.53 7.57 -8.67
N ILE A 98 -6.40 7.94 -8.07
CA ILE A 98 -5.85 7.21 -6.92
C ILE A 98 -6.83 7.21 -5.75
N ALA A 99 -7.47 8.34 -5.49
CA ALA A 99 -8.26 8.50 -4.27
C ALA A 99 -9.60 7.76 -4.33
N LEU A 100 -10.23 7.67 -5.50
CA LEU A 100 -11.61 7.18 -5.54
C LEU A 100 -11.74 5.78 -4.96
N PRO A 101 -10.90 4.80 -5.30
CA PRO A 101 -11.10 3.45 -4.74
C PRO A 101 -10.99 3.39 -3.21
N ILE A 102 -10.12 4.22 -2.58
CA ILE A 102 -9.98 4.23 -1.12
C ILE A 102 -11.25 4.84 -0.49
N ARG A 103 -11.79 5.90 -1.10
CA ARG A 103 -13.02 6.51 -0.59
C ARG A 103 -14.23 5.59 -0.77
N VAL A 104 -14.25 4.78 -1.82
CA VAL A 104 -15.24 3.72 -1.95
C VAL A 104 -15.11 2.70 -0.81
N MET A 105 -13.88 2.28 -0.49
CA MET A 105 -13.69 1.39 0.67
C MET A 105 -14.32 1.98 1.92
N LYS A 106 -14.08 3.29 2.15
CA LYS A 106 -14.67 3.96 3.32
C LYS A 106 -16.19 3.83 3.33
N LEU A 107 -16.84 4.14 2.20
CA LEU A 107 -18.31 4.07 2.14
C LEU A 107 -18.82 2.64 2.29
N LEU A 108 -18.04 1.64 1.91
CA LEU A 108 -18.42 0.23 2.11
C LEU A 108 -18.29 -0.24 3.55
N GLY A 109 -17.59 0.52 4.40
CA GLY A 109 -17.45 0.19 5.82
C GLY A 109 -16.03 -0.15 6.27
N VAL A 110 -15.03 0.02 5.40
CA VAL A 110 -13.66 -0.36 5.78
C VAL A 110 -13.17 0.53 6.92
N ARG A 111 -12.58 -0.10 7.96
CA ARG A 111 -12.00 0.60 9.10
C ARG A 111 -10.48 0.45 9.22
N VAL A 112 -9.91 -0.58 8.59
CA VAL A 112 -8.47 -0.88 8.63
C VAL A 112 -7.99 -1.22 7.22
N LEU A 113 -6.87 -0.62 6.79
CA LEU A 113 -6.26 -0.87 5.49
C LEU A 113 -4.86 -1.44 5.69
N LEU A 114 -4.59 -2.63 5.12
CA LEU A 114 -3.30 -3.31 5.18
C LEU A 114 -2.61 -3.23 3.81
N ILE A 115 -1.35 -2.77 3.80
CA ILE A 115 -0.62 -2.48 2.56
C ILE A 115 0.75 -3.14 2.58
N THR A 116 1.15 -3.77 1.45
CA THR A 116 2.54 -4.19 1.24
C THR A 116 3.13 -3.55 -0.02
N ASN A 117 4.46 -3.43 -0.04
CA ASN A 117 5.18 -2.91 -1.21
C ASN A 117 6.58 -3.51 -1.25
N LEU A 118 7.24 -3.35 -2.40
CA LEU A 118 8.66 -3.64 -2.58
C LEU A 118 9.46 -2.32 -2.53
N ALA A 119 10.60 -2.33 -1.83
CA ALA A 119 11.37 -1.11 -1.60
C ALA A 119 12.86 -1.39 -1.59
N GLY A 120 13.65 -0.33 -1.75
CA GLY A 120 15.11 -0.39 -1.57
C GLY A 120 15.53 0.00 -0.16
N GLY A 121 16.54 -0.69 0.37
CA GLY A 121 17.05 -0.38 1.70
C GLY A 121 18.11 0.71 1.67
N ILE A 122 17.98 1.65 2.62
CA ILE A 122 18.94 2.74 2.82
C ILE A 122 19.74 2.52 4.12
N ASN A 123 19.05 2.26 5.22
CA ASN A 123 19.70 1.94 6.49
C ASN A 123 20.64 0.75 6.33
N ARG A 124 21.83 0.87 6.91
CA ARG A 124 22.84 -0.18 6.75
C ARG A 124 22.47 -1.49 7.43
N LYS A 125 21.50 -1.52 8.34
CA LYS A 125 21.09 -2.79 8.92
C LYS A 125 20.24 -3.64 7.99
N LEU A 126 19.73 -3.09 6.88
CA LEU A 126 18.74 -3.77 6.07
C LEU A 126 19.38 -4.61 4.95
N LYS A 127 18.92 -5.86 4.80
CA LYS A 127 19.38 -6.81 3.80
C LYS A 127 18.21 -7.20 2.87
N SER A 128 18.57 -7.67 1.68
CA SER A 128 17.57 -8.26 0.80
C SER A 128 16.78 -9.34 1.53
N GLY A 129 15.45 -9.29 1.41
CA GLY A 129 14.55 -10.24 2.04
C GLY A 129 14.05 -9.84 3.42
N ASP A 130 14.55 -8.73 3.99
CA ASP A 130 14.03 -8.24 5.26
C ASP A 130 12.69 -7.54 5.07
N PHE A 131 11.93 -7.44 6.17
CA PHE A 131 10.69 -6.66 6.22
C PHE A 131 10.87 -5.41 7.09
N VAL A 132 10.20 -4.31 6.70
CA VAL A 132 10.20 -3.07 7.47
C VAL A 132 8.75 -2.64 7.76
N LEU A 133 8.40 -2.58 9.06
CA LEU A 133 7.15 -1.99 9.49
C LEU A 133 7.31 -0.46 9.40
N ILE A 134 6.50 0.18 8.56
CA ILE A 134 6.65 1.62 8.32
C ILE A 134 6.05 2.41 9.49
N LYS A 135 6.86 3.32 10.08
CA LYS A 135 6.41 4.11 11.24
C LYS A 135 6.27 5.60 10.91
N GLY A 136 6.69 6.05 9.73
CA GLY A 136 6.58 7.44 9.30
C GLY A 136 7.11 7.54 7.88
N HIS A 137 7.00 8.75 7.30
CA HIS A 137 7.40 8.93 5.89
C HIS A 137 7.97 10.32 5.59
N ILE A 138 8.73 10.38 4.50
CA ILE A 138 9.16 11.65 3.89
C ILE A 138 8.58 11.69 2.47
N ASN A 139 7.64 12.61 2.24
CA ASN A 139 6.82 12.64 1.02
C ASN A 139 7.37 13.73 0.09
N PHE A 140 8.36 13.38 -0.75
CA PHE A 140 8.93 14.38 -1.64
C PHE A 140 7.88 14.97 -2.58
N PRO A 141 7.00 14.18 -3.21
CA PRO A 141 5.91 14.81 -4.00
C PRO A 141 5.09 15.82 -3.21
N GLY A 142 4.73 15.50 -1.97
CA GLY A 142 3.89 16.42 -1.18
C GLY A 142 4.58 17.73 -0.86
N LEU A 143 5.86 17.67 -0.48
CA LEU A 143 6.59 18.92 -0.26
C LEU A 143 6.63 19.75 -1.54
N GLY A 144 6.71 19.07 -2.71
CA GLY A 144 6.87 19.73 -4.01
C GLY A 144 5.63 20.07 -4.81
N LEU A 145 4.45 20.19 -4.17
CA LEU A 145 3.17 20.60 -4.79
C LEU A 145 2.47 19.50 -5.59
N ASN A 146 2.88 18.22 -5.41
CA ASN A 146 2.21 17.05 -6.00
C ASN A 146 1.60 16.12 -4.93
N ASN A 147 1.21 16.67 -3.77
CA ASN A 147 0.44 15.88 -2.78
C ASN A 147 -0.85 15.34 -3.40
N VAL A 148 -1.22 14.12 -3.01
CA VAL A 148 -2.48 13.50 -3.47
C VAL A 148 -3.73 14.33 -3.11
N LEU A 149 -3.66 15.20 -2.10
CA LEU A 149 -4.79 16.03 -1.71
C LEU A 149 -4.81 17.43 -2.36
N VAL A 150 -3.84 17.78 -3.23
CA VAL A 150 -3.92 19.08 -3.95
C VAL A 150 -5.20 19.10 -4.78
N GLY A 151 -5.98 20.18 -4.64
CA GLY A 151 -7.29 20.32 -5.25
C GLY A 151 -8.32 20.77 -4.21
N PRO A 152 -9.58 20.96 -4.63
CA PRO A 152 -10.64 21.24 -3.66
C PRO A 152 -10.70 20.15 -2.61
N ASN A 153 -11.01 20.51 -1.37
CA ASN A 153 -11.24 19.50 -0.35
C ASN A 153 -12.65 18.89 -0.49
N GLN A 154 -12.74 17.57 -0.34
CA GLN A 154 -14.03 16.86 -0.28
C GLN A 154 -14.40 16.72 1.19
N ASP A 155 -15.19 17.69 1.67
CA ASP A 155 -15.46 17.85 3.11
C ASP A 155 -16.18 16.65 3.73
N GLU A 156 -17.00 15.90 2.97
CA GLU A 156 -17.68 14.75 3.55
C GLU A 156 -16.71 13.65 4.00
N PHE A 157 -15.49 13.63 3.44
CA PHE A 157 -14.51 12.61 3.78
C PHE A 157 -13.54 13.03 4.89
N GLY A 158 -13.18 14.32 5.00
CA GLY A 158 -12.18 14.72 5.98
C GLY A 158 -11.83 16.21 5.90
N PRO A 159 -10.87 16.64 6.72
CA PRO A 159 -10.55 18.08 6.86
C PRO A 159 -9.64 18.63 5.76
N ARG A 160 -9.68 19.95 5.61
CA ARG A 160 -8.81 20.63 4.63
C ARG A 160 -7.33 20.38 4.91
N PHE A 161 -6.91 20.41 6.19
CA PHE A 161 -5.50 20.29 6.59
C PHE A 161 -5.28 19.08 7.52
N PRO A 162 -5.11 17.87 6.97
CA PRO A 162 -4.91 16.70 7.87
C PRO A 162 -3.57 16.68 8.57
N ASP A 163 -3.59 16.10 9.79
CA ASP A 163 -2.41 15.78 10.57
C ASP A 163 -2.07 14.31 10.34
N LEU A 164 -0.82 14.03 9.94
CA LEU A 164 -0.38 12.66 9.64
C LEU A 164 0.43 12.03 10.76
N SER A 165 0.48 12.66 11.95
CA SER A 165 1.36 12.16 12.99
C SER A 165 1.00 10.76 13.48
N ASN A 166 -0.27 10.33 13.33
CA ASN A 166 -0.71 8.98 13.70
C ASN A 166 -1.23 8.20 12.49
N ALA A 167 -0.67 8.47 11.30
CA ALA A 167 -1.11 7.78 10.08
C ALA A 167 -0.84 6.29 10.13
N TYR A 168 0.26 5.86 10.79
CA TYR A 168 0.68 4.46 10.88
C TYR A 168 0.37 3.99 12.30
N ASP A 169 -0.73 3.24 12.45
CA ASP A 169 -1.23 2.85 13.78
C ASP A 169 -0.19 2.05 14.57
N ARG A 170 0.05 2.47 15.81
CA ARG A 170 1.09 1.84 16.64
C ARG A 170 0.70 0.43 17.08
N LEU A 171 -0.56 0.20 17.45
CA LEU A 171 -0.98 -1.12 17.91
C LEU A 171 -0.97 -2.15 16.78
N LEU A 172 -1.22 -1.73 15.53
CA LEU A 172 -1.13 -2.68 14.42
C LEU A 172 0.33 -3.10 14.18
N GLN A 173 1.26 -2.15 14.29
CA GLN A 173 2.68 -2.50 14.22
C GLN A 173 3.05 -3.50 15.31
N GLN A 174 2.55 -3.29 16.53
CA GLN A 174 2.87 -4.21 17.63
C GLN A 174 2.30 -5.60 17.39
N LEU A 175 1.10 -5.69 16.83
CA LEU A 175 0.51 -7.01 16.55
C LEU A 175 1.31 -7.75 15.48
N ALA A 176 1.72 -7.04 14.40
CA ALA A 176 2.53 -7.65 13.36
C ALA A 176 3.83 -8.22 13.92
N LEU A 177 4.50 -7.45 14.78
CA LEU A 177 5.75 -7.92 15.38
C LEU A 177 5.51 -9.12 16.29
N LYS A 178 4.41 -9.11 17.06
CA LYS A 178 4.12 -10.22 17.97
C LYS A 178 3.94 -11.53 17.20
N ILE A 179 3.28 -11.48 16.06
CA ILE A 179 3.09 -12.70 15.25
C ILE A 179 4.41 -13.19 14.69
N ALA A 180 5.29 -12.28 14.26
CA ALA A 180 6.63 -12.67 13.82
C ALA A 180 7.40 -13.38 14.93
N GLN A 181 7.31 -12.88 16.16
CA GLN A 181 7.99 -13.53 17.27
C GLN A 181 7.43 -14.92 17.55
N GLU A 182 6.10 -15.09 17.46
CA GLU A 182 5.48 -16.39 17.72
C GLU A 182 5.95 -17.45 16.74
N ASN A 183 6.36 -17.06 15.54
CA ASN A 183 6.77 -17.99 14.48
C ASN A 183 8.25 -17.87 14.14
N ASP A 184 9.03 -17.27 15.03
CA ASP A 184 10.50 -17.29 14.96
C ASP A 184 11.05 -16.69 13.67
N PHE A 185 10.43 -15.61 13.16
CA PHE A 185 11.06 -14.85 12.08
C PHE A 185 11.25 -13.38 12.44
N GLN A 186 11.24 -13.05 13.74
CA GLN A 186 11.42 -11.67 14.16
C GLN A 186 12.79 -11.10 13.78
N ASP A 187 13.78 -11.97 13.55
CA ASP A 187 15.08 -11.49 13.09
C ASP A 187 15.03 -10.85 11.72
N LEU A 188 13.95 -11.06 10.95
CA LEU A 188 13.78 -10.41 9.66
C LEU A 188 13.04 -9.07 9.74
N VAL A 189 12.51 -8.69 10.89
CA VAL A 189 11.53 -7.60 10.99
C VAL A 189 12.17 -6.39 11.67
N HIS A 190 12.16 -5.26 10.98
CA HIS A 190 12.66 -3.96 11.42
C HIS A 190 11.52 -2.95 11.41
N GLU A 191 11.80 -1.75 11.92
CA GLU A 191 10.91 -0.61 11.75
C GLU A 191 11.69 0.54 11.07
N GLY A 192 10.97 1.45 10.42
CA GLY A 192 11.68 2.53 9.75
C GLY A 192 10.81 3.56 9.06
N VAL A 193 11.50 4.59 8.54
CA VAL A 193 10.92 5.73 7.83
C VAL A 193 11.01 5.48 6.31
N TYR A 194 9.88 5.65 5.59
CA TYR A 194 9.77 5.40 4.16
C TYR A 194 9.85 6.71 3.37
N ALA A 195 10.79 6.80 2.42
CA ALA A 195 10.89 7.92 1.49
C ALA A 195 10.13 7.59 0.21
N PHE A 196 9.24 8.50 -0.20
CA PHE A 196 8.46 8.35 -1.43
C PHE A 196 9.21 9.03 -2.58
N ASN A 197 9.79 8.21 -3.47
CA ASN A 197 10.35 8.61 -4.77
C ASN A 197 9.25 8.46 -5.81
N GLY A 198 8.79 9.56 -6.41
CA GLY A 198 7.71 9.44 -7.39
C GLY A 198 7.96 8.43 -8.51
N GLY A 199 9.20 8.28 -8.95
CA GLY A 199 9.54 7.27 -9.96
C GLY A 199 9.26 7.70 -11.40
N PRO A 200 9.40 6.78 -12.37
CA PRO A 200 9.61 5.32 -12.25
C PRO A 200 11.06 4.87 -12.30
N THR A 201 12.04 5.78 -12.45
CA THR A 201 13.44 5.38 -12.34
C THR A 201 13.77 5.06 -10.87
N TYR A 202 14.56 3.98 -10.68
CA TYR A 202 15.11 3.71 -9.35
C TYR A 202 15.93 4.91 -8.89
N GLU A 203 15.95 5.15 -7.58
CA GLU A 203 16.81 6.16 -6.99
C GLU A 203 18.24 5.99 -7.50
N SER A 204 18.86 7.11 -7.91
CA SER A 204 20.25 7.07 -8.35
C SER A 204 21.20 6.86 -7.18
N PRO A 205 22.43 6.44 -7.44
CA PRO A 205 23.39 6.25 -6.33
C PRO A 205 23.55 7.48 -5.45
N ASP A 206 23.61 8.67 -6.06
CA ASP A 206 23.75 9.90 -5.29
C ASP A 206 22.46 10.30 -4.59
N GLU A 207 21.31 9.97 -5.16
CA GLU A 207 20.05 10.13 -4.43
C GLU A 207 20.00 9.21 -3.20
N SER A 208 20.44 7.95 -3.32
CA SER A 208 20.51 7.06 -2.17
C SER A 208 21.35 7.66 -1.05
N ASN A 209 22.53 8.19 -1.40
CA ASN A 209 23.41 8.81 -0.40
C ASN A 209 22.74 10.00 0.30
N MET A 210 22.01 10.82 -0.46
CA MET A 210 21.26 11.92 0.13
C MET A 210 20.22 11.41 1.11
N LEU A 211 19.49 10.35 0.75
CA LEU A 211 18.44 9.82 1.64
C LEU A 211 19.01 9.29 2.93
N LEU A 212 20.22 8.72 2.88
CA LEU A 212 20.90 8.30 4.10
C LEU A 212 21.13 9.51 5.01
N LYS A 213 21.62 10.62 4.45
CA LYS A 213 21.87 11.82 5.25
C LYS A 213 20.60 12.35 5.91
N LEU A 214 19.44 12.18 5.27
CA LEU A 214 18.18 12.79 5.69
C LEU A 214 17.35 11.90 6.61
N GLY A 215 17.89 10.76 7.04
CA GLY A 215 17.21 9.93 8.01
C GLY A 215 16.21 8.95 7.45
N CYS A 216 16.30 8.62 6.17
CA CYS A 216 15.38 7.65 5.58
C CYS A 216 15.93 6.25 5.76
N ASP A 217 15.03 5.30 6.02
CA ASP A 217 15.43 3.91 6.14
C ASP A 217 15.20 3.09 4.89
N VAL A 218 14.14 3.39 4.13
CA VAL A 218 13.77 2.66 2.92
C VAL A 218 13.23 3.68 1.92
N VAL A 219 13.20 3.28 0.63
CA VAL A 219 12.73 4.14 -0.45
C VAL A 219 11.88 3.34 -1.44
N GLY A 220 10.73 3.87 -1.84
CA GLY A 220 9.94 3.25 -2.89
C GLY A 220 9.02 4.22 -3.60
N MET A 221 8.21 3.69 -4.52
CA MET A 221 7.42 4.48 -5.47
C MET A 221 5.91 4.39 -5.26
N SER A 222 5.45 3.96 -4.09
CA SER A 222 4.02 3.71 -3.87
C SER A 222 3.67 4.08 -2.43
N THR A 223 2.46 3.68 -2.00
CA THR A 223 2.02 3.58 -0.61
C THR A 223 1.61 4.92 0.02
N VAL A 224 2.49 5.93 -0.03
CA VAL A 224 2.19 7.20 0.63
C VAL A 224 0.90 7.85 0.14
N PRO A 225 0.58 7.87 -1.17
CA PRO A 225 -0.72 8.45 -1.58
C PRO A 225 -1.92 7.78 -0.94
N GLU A 226 -1.95 6.44 -0.91
CA GLU A 226 -3.07 5.72 -0.30
C GLU A 226 -3.11 5.96 1.20
N VAL A 227 -1.95 5.98 1.87
CA VAL A 227 -1.92 6.27 3.31
C VAL A 227 -2.57 7.61 3.60
N ILE A 228 -2.26 8.63 2.80
CA ILE A 228 -2.79 9.97 3.05
C ILE A 228 -4.32 10.01 2.84
N ILE A 229 -4.81 9.39 1.77
CA ILE A 229 -6.28 9.36 1.56
C ILE A 229 -6.98 8.60 2.69
N ALA A 230 -6.41 7.48 3.14
CA ALA A 230 -6.96 6.72 4.27
C ALA A 230 -6.96 7.54 5.56
N CYS A 231 -5.84 8.19 5.89
CA CYS A 231 -5.76 8.99 7.11
C CYS A 231 -6.77 10.15 7.07
N HIS A 232 -6.91 10.80 5.91
CA HIS A 232 -7.87 11.90 5.75
C HIS A 232 -9.28 11.50 6.14
N CYS A 233 -9.72 10.27 5.78
CA CYS A 233 -11.08 9.82 6.04
C CYS A 233 -11.18 8.88 7.26
N GLY A 234 -10.15 8.80 8.09
CA GLY A 234 -10.25 8.04 9.34
C GLY A 234 -10.06 6.54 9.29
N ILE A 235 -9.40 5.99 8.26
CA ILE A 235 -9.08 4.56 8.18
C ILE A 235 -7.68 4.33 8.76
N LYS A 236 -7.55 3.36 9.68
CA LYS A 236 -6.25 2.99 10.26
C LYS A 236 -5.43 2.20 9.24
N VAL A 237 -4.10 2.36 9.29
CA VAL A 237 -3.20 1.76 8.30
C VAL A 237 -2.06 0.98 8.95
N LEU A 238 -1.75 -0.20 8.39
CA LEU A 238 -0.49 -0.92 8.58
C LEU A 238 0.17 -1.03 7.21
N ALA A 239 1.44 -0.60 7.09
CA ALA A 239 2.18 -0.68 5.83
C ALA A 239 3.53 -1.36 6.06
N VAL A 240 3.84 -2.38 5.22
CA VAL A 240 5.04 -3.22 5.34
C VAL A 240 5.79 -3.22 4.01
N SER A 241 7.08 -2.87 4.06
CA SER A 241 7.99 -2.98 2.91
C SER A 241 8.80 -4.28 2.94
N LEU A 242 8.87 -4.95 1.80
CA LEU A 242 9.82 -6.05 1.56
C LEU A 242 11.05 -5.47 0.85
N ILE A 243 12.23 -5.67 1.44
CA ILE A 243 13.46 -5.07 0.96
C ILE A 243 14.04 -5.91 -0.17
N ALA A 244 14.16 -5.31 -1.35
CA ALA A 244 14.72 -6.01 -2.51
C ALA A 244 16.24 -5.97 -2.54
N ASN A 245 16.87 -4.97 -1.93
CA ASN A 245 18.30 -4.72 -2.04
C ASN A 245 18.68 -3.64 -1.04
N ASN A 246 19.99 -3.47 -0.82
CA ASN A 246 20.48 -2.29 -0.09
C ASN A 246 21.14 -1.33 -1.09
N SER A 247 20.48 -0.18 -1.34
CA SER A 247 20.94 0.72 -2.38
C SER A 247 22.26 1.40 -2.02
N ILE A 248 22.56 1.54 -0.71
CA ILE A 248 23.82 2.16 -0.30
C ILE A 248 24.99 1.21 -0.56
N LEU A 249 24.85 -0.07 -0.20
CA LEU A 249 25.87 -1.06 -0.53
C LEU A 249 26.07 -1.17 -2.03
N ASP A 250 24.96 -1.17 -2.80
CA ASP A 250 25.07 -1.27 -4.25
C ASP A 250 25.83 -0.08 -4.82
N ALA A 251 25.60 1.10 -4.28
CA ALA A 251 26.33 2.29 -4.75
C ALA A 251 27.82 2.19 -4.45
N GLU A 252 28.19 1.69 -3.26
CA GLU A 252 29.59 1.56 -2.88
C GLU A 252 30.32 0.49 -3.69
N ASN A 253 29.60 -0.53 -4.18
CA ASN A 253 30.20 -1.61 -4.96
C ASN A 253 29.95 -1.52 -6.46
N ASP A 254 29.22 -0.50 -6.94
CA ASP A 254 28.88 -0.34 -8.36
C ASP A 254 28.09 -1.54 -8.91
N VAL A 255 27.03 -1.91 -8.18
CA VAL A 255 26.13 -3.03 -8.52
C VAL A 255 24.76 -2.49 -8.90
N SER A 256 24.14 -3.11 -9.91
CA SER A 256 22.90 -2.62 -10.51
C SER A 256 21.67 -3.29 -9.91
N ILE A 257 20.52 -2.70 -10.17
CA ILE A 257 19.24 -3.23 -9.72
C ILE A 257 18.30 -3.24 -10.92
N ASN A 258 17.43 -4.24 -10.95
CA ASN A 258 16.48 -4.36 -12.04
C ASN A 258 15.20 -5.02 -11.51
N HIS A 259 14.14 -4.90 -12.29
CA HIS A 259 12.84 -5.39 -11.84
C HIS A 259 12.84 -6.91 -11.72
N GLU A 260 13.65 -7.59 -12.53
CA GLU A 260 13.76 -9.04 -12.43
C GLU A 260 14.31 -9.46 -11.08
N LYS A 261 15.37 -8.79 -10.60
CA LYS A 261 15.87 -9.10 -9.27
C LYS A 261 14.83 -8.83 -8.20
N VAL A 262 14.07 -7.75 -8.35
CA VAL A 262 13.05 -7.42 -7.35
C VAL A 262 12.00 -8.53 -7.27
N LEU A 263 11.51 -8.98 -8.44
CA LEU A 263 10.48 -10.01 -8.46
C LEU A 263 10.99 -11.34 -7.91
N ALA A 264 12.29 -11.63 -8.04
CA ALA A 264 12.80 -12.89 -7.48
C ALA A 264 12.84 -12.86 -5.95
N VAL A 265 13.13 -11.69 -5.35
CA VAL A 265 13.03 -11.56 -3.89
C VAL A 265 11.58 -11.73 -3.45
N ALA A 266 10.65 -11.13 -4.21
CA ALA A 266 9.22 -11.29 -3.91
C ALA A 266 8.83 -12.78 -3.89
N GLU A 267 9.29 -13.56 -4.88
CA GLU A 267 8.92 -14.97 -4.93
C GLU A 267 9.48 -15.74 -3.73
N LYS A 268 10.68 -15.36 -3.28
CA LYS A 268 11.30 -16.03 -2.15
C LYS A 268 10.52 -15.82 -0.85
N ARG A 269 9.94 -14.62 -0.66
CA ARG A 269 9.22 -14.28 0.58
C ARG A 269 7.69 -14.36 0.47
N ALA A 270 7.14 -14.72 -0.70
CA ALA A 270 5.70 -14.61 -0.94
C ALA A 270 4.88 -15.45 0.06
N ASP A 271 5.27 -16.72 0.27
CA ASP A 271 4.45 -17.57 1.13
C ASP A 271 4.49 -17.12 2.58
N LEU A 272 5.66 -16.73 3.08
CA LEU A 272 5.74 -16.22 4.45
C LEU A 272 4.86 -14.97 4.62
N LEU A 273 4.92 -14.04 3.66
CA LEU A 273 4.13 -12.81 3.77
C LEU A 273 2.63 -13.11 3.72
N GLN A 274 2.22 -14.05 2.86
CA GLN A 274 0.82 -14.46 2.79
C GLN A 274 0.34 -14.99 4.13
N MET A 275 1.12 -15.90 4.74
CA MET A 275 0.74 -16.46 6.04
C MET A 275 0.71 -15.40 7.14
N TRP A 276 1.68 -14.49 7.13
CA TRP A 276 1.72 -13.41 8.11
C TRP A 276 0.47 -12.53 8.03
N PHE A 277 0.12 -12.07 6.82
CA PHE A 277 -1.05 -11.20 6.66
C PHE A 277 -2.36 -11.94 6.94
N LYS A 278 -2.46 -13.23 6.63
CA LYS A 278 -3.65 -13.99 7.01
C LYS A 278 -3.82 -13.99 8.52
N GLU A 279 -2.74 -14.20 9.27
CA GLU A 279 -2.82 -14.22 10.74
C GLU A 279 -3.11 -12.82 11.30
N ILE A 280 -2.52 -11.76 10.72
CA ILE A 280 -2.84 -10.38 11.15
C ILE A 280 -4.34 -10.12 10.99
N ILE A 281 -4.90 -10.46 9.82
CA ILE A 281 -6.34 -10.27 9.56
C ILE A 281 -7.17 -11.01 10.60
N THR A 282 -6.81 -12.26 10.88
CA THR A 282 -7.56 -13.09 11.82
C THR A 282 -7.57 -12.46 13.22
N ARG A 283 -6.45 -11.84 13.61
CA ARG A 283 -6.23 -11.35 14.98
C ARG A 283 -6.58 -9.88 15.18
N LEU A 284 -6.95 -9.14 14.14
CA LEU A 284 -7.22 -7.71 14.30
C LEU A 284 -8.31 -7.50 15.35
N PRO A 285 -8.18 -6.48 16.21
CA PRO A 285 -9.20 -6.26 17.25
C PRO A 285 -10.61 -6.16 16.69
#